data_2AJS
#
_entry.id   2AJS
#
_cell.length_a   88.107
_cell.length_b   88.107
_cell.length_c   135.397
_cell.angle_alpha   90.00
_cell.angle_beta   90.00
_cell.angle_gamma   90.00
#
_symmetry.space_group_name_H-M   'P 43 21 2'
#
loop_
_entity.id
_entity.type
_entity.pdbx_description
1 polymer "Antibody 7A1 FAB'"
2 polymer "Antibody 7A1 FAB'"
3 non-polymer GLYCEROL
4 non-polymer 'SULFATE ION'
5 non-polymer 3,6,9,12,15,18-HEXAOXAICOSANE-1,20-DIOL
6 water water
#
loop_
_entity_poly.entity_id
_entity_poly.type
_entity_poly.pdbx_seq_one_letter_code
_entity_poly.pdbx_strand_id
1 'polypeptide(L)'
;DIVITQDELSNPVTSGESVSISCRSSRSLLYKDGRTYLNWFLQRPGQSPQLLIYLMSTRASGVSDRFSGSGSGTDFTLEI
SRVKAEDVGVYYCQQFVEYPFTFGSGTKLEIKRADAAPTVSIFPPSSEQLTSGGASVVCFLNNFYPKDINVKWKIDGSER
QNGVLNSWTDQDSKDSTYSMSSTLTLTKDEYERHNSYTCEATHKTSTSPIVKSFNR
;
L
2 'polypeptide(L)'
;EVKLSESGPGLVKPSQSLSLTCTVTGYSITTNYAWTWIRQFPGNKLEWMGYIRSSVITRYNPSLKSRISITQDTSKNQFF
LQLNSVTTEDTATYYCARYDYYGNTGDYWGQGTSVTVSSAKTTPPSVYPLAPGTAALKSSMVTLGCLVKGYFPEPVTVTW
NSGSLSSGVHTFPAVLQSDLYTLTSSVTVPSSTWPSQTVTCNVAHPASSTKVDKKIVPR
;
H
#
loop_
_chem_comp.id
_chem_comp.type
_chem_comp.name
_chem_comp.formula
GOL non-polymer GLYCEROL 'C3 H8 O3'
P33 non-polymer 3,6,9,12,15,18-HEXAOXAICOSANE-1,20-DIOL 'C14 H30 O8'
SO4 non-polymer 'SULFATE ION' 'O4 S -2'
#
# COMPACT_ATOMS: atom_id res chain seq x y z
N ASP A 1 6.24 4.35 -29.41
CA ASP A 1 4.87 4.43 -28.83
C ASP A 1 4.59 5.84 -28.34
N ILE A 2 3.32 6.11 -28.04
CA ILE A 2 2.87 7.32 -27.39
C ILE A 2 3.55 7.45 -26.03
N VAL A 3 4.00 8.66 -25.70
CA VAL A 3 4.64 8.91 -24.41
C VAL A 3 3.69 9.79 -23.63
N ILE A 4 3.37 9.37 -22.40
CA ILE A 4 2.44 10.07 -21.52
C ILE A 4 3.25 10.70 -20.40
N THR A 5 2.98 11.98 -20.11
CA THR A 5 3.69 12.71 -19.06
C THR A 5 2.70 13.28 -18.07
N GLN A 6 2.97 13.11 -16.78
CA GLN A 6 2.17 13.77 -15.77
C GLN A 6 3.08 14.64 -14.96
N ASP A 7 2.58 15.80 -14.56
CA ASP A 7 3.37 16.78 -13.81
C ASP A 7 3.15 16.69 -12.29
N GLU A 8 4.21 16.91 -11.53
CA GLU A 8 4.16 17.01 -10.07
C GLU A 8 3.28 18.19 -9.66
N LEU A 9 2.54 18.01 -8.57
CA LEU A 9 1.93 19.14 -7.89
C LEU A 9 2.97 19.75 -6.96
N SER A 10 3.15 21.06 -7.06
CA SER A 10 4.20 21.72 -6.27
C SER A 10 3.76 22.00 -4.83
N ASN A 11 2.45 21.95 -4.58
CA ASN A 11 1.93 22.35 -3.27
C ASN A 11 0.81 21.49 -2.74
N PRO A 12 0.73 21.27 -1.42
CA PRO A 12 -0.41 20.57 -0.83
C PRO A 12 -1.66 21.42 -0.87
N VAL A 13 -2.82 20.78 -0.91
CA VAL A 13 -4.09 21.44 -1.15
C VAL A 13 -4.93 21.33 0.11
N THR A 14 -5.50 22.44 0.58
CA THR A 14 -6.35 22.43 1.77
C THR A 14 -7.73 21.86 1.47
N SER A 15 -8.31 21.13 2.44
CA SER A 15 -9.67 20.66 2.29
C SER A 15 -10.57 21.81 1.82
N GLY A 16 -11.37 21.61 0.80
CA GLY A 16 -12.24 22.67 0.36
C GLY A 16 -11.76 23.41 -0.89
N GLU A 17 -10.45 23.41 -1.09
CA GLU A 17 -9.88 24.07 -2.27
C GLU A 17 -10.12 23.14 -3.48
N SER A 18 -9.91 23.67 -4.67
CA SER A 18 -9.96 22.85 -5.90
C SER A 18 -8.56 22.82 -6.54
N VAL A 19 -8.23 21.74 -7.25
CA VAL A 19 -6.89 21.61 -7.79
C VAL A 19 -7.01 20.97 -9.17
N SER A 20 -6.13 21.40 -10.07
CA SER A 20 -6.06 20.86 -11.44
C SER A 20 -4.75 20.10 -11.62
N ILE A 21 -4.85 18.90 -12.21
CA ILE A 21 -3.75 17.97 -12.43
C ILE A 21 -3.61 17.81 -13.94
N SER A 22 -2.38 17.80 -14.45
CA SER A 22 -2.10 17.76 -15.90
C SER A 22 -1.53 16.44 -16.40
N CYS A 23 -1.92 16.05 -17.61
CA CYS A 23 -1.42 14.86 -18.29
C CYS A 23 -1.21 15.29 -19.73
N ARG A 24 -0.11 14.87 -20.34
CA ARG A 24 0.16 15.21 -21.75
C ARG A 24 0.49 13.96 -22.54
N SER A 25 0.09 13.93 -23.81
CA SER A 25 0.41 12.84 -24.73
C SER A 25 1.19 13.38 -25.96
N SER A 26 2.15 12.60 -26.45
CA SER A 26 2.91 12.99 -27.64
C SER A 26 2.09 12.76 -28.92
N ARG A 27 0.96 12.07 -28.80
CA ARG A 27 0.11 11.82 -29.97
C ARG A 27 -1.33 12.11 -29.62
N SER A 28 -2.10 12.61 -30.58
CA SER A 28 -3.50 12.89 -30.33
C SER A 28 -4.24 11.62 -29.91
N LEU A 29 -5.09 11.77 -28.90
CA LEU A 29 -5.95 10.66 -28.43
C LEU A 29 -7.36 10.75 -28.96
N LEU A 30 -7.60 11.72 -29.85
CA LEU A 30 -8.90 11.86 -30.51
C LEU A 30 -8.98 10.80 -31.60
N TYR A 31 -10.06 10.03 -31.59
CA TYR A 31 -10.24 8.97 -32.58
C TYR A 31 -11.20 9.39 -33.68
N LYS A 32 -11.27 8.57 -34.74
CA LYS A 32 -12.16 8.82 -35.88
C LYS A 32 -13.61 9.08 -35.48
N ASP A 33 -14.04 8.46 -34.39
CA ASP A 33 -15.42 8.60 -33.94
C ASP A 33 -15.74 9.89 -33.17
N GLY A 34 -14.76 10.77 -33.05
CA GLY A 34 -14.97 12.04 -32.36
C GLY A 34 -14.77 11.98 -30.85
N ARG A 35 -14.41 10.80 -30.35
CA ARG A 35 -14.22 10.61 -28.91
C ARG A 35 -12.74 10.62 -28.61
N THR A 36 -12.39 11.06 -27.40
CA THR A 36 -10.99 11.15 -26.99
C THR A 36 -10.71 10.13 -25.91
N TYR A 37 -9.79 9.22 -26.18
CA TYR A 37 -9.63 8.00 -25.40
C TYR A 37 -8.56 8.20 -24.31
N LEU A 38 -8.99 8.81 -23.21
CA LEU A 38 -8.09 9.18 -22.10
C LEU A 38 -8.85 8.93 -20.80
N ASN A 39 -8.24 8.17 -19.89
CA ASN A 39 -8.85 7.81 -18.60
C ASN A 39 -8.11 8.51 -17.48
N TRP A 40 -8.82 8.75 -16.38
CA TRP A 40 -8.21 9.18 -15.10
C TRP A 40 -8.61 8.21 -14.03
N PHE A 41 -7.61 7.76 -13.25
CA PHE A 41 -7.82 6.87 -12.07
C PHE A 41 -7.31 7.56 -10.82
N LEU A 42 -7.93 7.22 -9.69
CA LEU A 42 -7.37 7.48 -8.36
C LEU A 42 -6.93 6.16 -7.75
N GLN A 43 -5.70 6.14 -7.23
CA GLN A 43 -5.32 5.02 -6.38
C GLN A 43 -5.10 5.56 -4.98
N ARG A 44 -6.06 5.28 -4.09
CA ARG A 44 -5.96 5.68 -2.69
C ARG A 44 -4.93 4.79 -2.01
N PRO A 45 -4.31 5.27 -0.93
CA PRO A 45 -3.27 4.48 -0.26
C PRO A 45 -3.78 3.09 0.13
N GLY A 46 -3.08 2.05 -0.29
CA GLY A 46 -3.49 0.69 0.07
C GLY A 46 -4.57 0.04 -0.79
N GLN A 47 -5.10 0.78 -1.78
CA GLN A 47 -6.22 0.28 -2.60
C GLN A 47 -5.84 0.02 -4.07
N SER A 48 -6.72 -0.69 -4.78
CA SER A 48 -6.62 -0.86 -6.23
C SER A 48 -6.95 0.47 -6.92
N PRO A 49 -6.42 0.73 -8.10
CA PRO A 49 -6.87 1.90 -8.87
C PRO A 49 -8.40 1.86 -9.06
N GLN A 50 -9.02 3.05 -9.07
CA GLN A 50 -10.46 3.19 -9.28
C GLN A 50 -10.62 4.21 -10.40
N LEU A 51 -11.39 3.87 -11.45
CA LEU A 51 -11.57 4.86 -12.52
C LEU A 51 -12.49 6.00 -12.09
N LEU A 52 -12.08 7.23 -12.42
CA LEU A 52 -12.89 8.43 -12.23
C LEU A 52 -13.53 8.88 -13.54
N ILE A 53 -12.71 8.98 -14.57
CA ILE A 53 -13.12 9.55 -15.85
C ILE A 53 -12.65 8.65 -16.97
N TYR A 54 -13.49 8.48 -17.99
CA TYR A 54 -13.07 7.82 -19.25
C TYR A 54 -13.56 8.69 -20.43
N LEU A 55 -13.05 8.44 -21.63
CA LEU A 55 -13.34 9.27 -22.81
C LEU A 55 -13.10 10.75 -22.50
N MET A 56 -12.04 11.01 -21.74
CA MET A 56 -11.56 12.36 -21.40
C MET A 56 -12.41 13.14 -20.40
N SER A 57 -13.74 13.02 -20.50
CA SER A 57 -14.66 13.88 -19.70
C SER A 57 -15.87 13.17 -19.11
N THR A 58 -16.01 11.86 -19.36
CA THR A 58 -17.20 11.15 -18.83
C THR A 58 -16.91 10.52 -17.47
N ARG A 59 -17.72 10.83 -16.46
CA ARG A 59 -17.54 10.18 -15.15
C ARG A 59 -18.07 8.75 -15.13
N ALA A 60 -17.36 7.88 -14.42
CA ALA A 60 -17.81 6.52 -14.22
C ALA A 60 -18.99 6.55 -13.26
N SER A 61 -19.76 5.47 -13.25
CA SER A 61 -20.89 5.34 -12.33
C SER A 61 -20.45 5.58 -10.89
N GLY A 62 -21.22 6.39 -10.16
CA GLY A 62 -20.96 6.59 -8.75
C GLY A 62 -19.87 7.59 -8.42
N VAL A 63 -19.15 8.06 -9.44
CA VAL A 63 -18.09 9.04 -9.24
C VAL A 63 -18.70 10.41 -8.99
N SER A 64 -18.24 11.05 -7.91
CA SER A 64 -18.68 12.40 -7.56
C SER A 64 -18.53 13.39 -8.68
N ASP A 65 -19.52 14.31 -8.80
CA ASP A 65 -19.43 15.37 -9.83
C ASP A 65 -18.31 16.35 -9.48
N ARG A 66 -17.62 16.14 -8.35
CA ARG A 66 -16.48 17.00 -8.01
C ARG A 66 -15.32 16.77 -8.95
N PHE A 67 -15.37 15.64 -9.66
CA PHE A 67 -14.27 15.29 -10.58
C PHE A 67 -14.68 15.59 -12.00
N SER A 68 -13.89 16.40 -12.69
CA SER A 68 -14.21 16.74 -14.07
C SER A 68 -12.98 16.72 -14.95
N GLY A 69 -13.14 16.16 -16.15
CA GLY A 69 -12.02 16.04 -17.05
C GLY A 69 -12.24 16.90 -18.27
N SER A 70 -11.14 17.46 -18.78
CA SER A 70 -11.17 18.30 -19.96
C SER A 70 -9.87 18.13 -20.72
N GLY A 71 -9.82 18.68 -21.93
CA GLY A 71 -8.57 18.62 -22.68
C GLY A 71 -8.69 18.89 -24.16
N SER A 72 -7.53 18.88 -24.80
CA SER A 72 -7.43 18.94 -26.25
C SER A 72 -7.29 17.49 -26.66
N GLY A 73 -6.58 17.22 -27.74
CA GLY A 73 -6.30 15.84 -28.08
C GLY A 73 -4.98 15.38 -27.48
N THR A 74 -4.21 16.32 -26.93
CA THR A 74 -2.84 16.01 -26.44
C THR A 74 -2.50 16.55 -25.03
N ASP A 75 -3.32 17.44 -24.51
CA ASP A 75 -3.10 18.05 -23.18
C ASP A 75 -4.39 17.91 -22.40
N PHE A 76 -4.34 17.32 -21.21
CA PHE A 76 -5.55 16.96 -20.48
C PHE A 76 -5.45 17.46 -19.05
N THR A 77 -6.61 17.79 -18.48
CA THR A 77 -6.71 18.26 -17.10
C THR A 77 -7.79 17.53 -16.33
N LEU A 78 -7.44 17.08 -15.11
CA LEU A 78 -8.45 16.59 -14.19
C LEU A 78 -8.59 17.70 -13.14
N GLU A 79 -9.81 18.21 -12.99
CA GLU A 79 -10.07 19.21 -11.93
C GLU A 79 -10.79 18.51 -10.80
N ILE A 80 -10.21 18.59 -9.61
CA ILE A 80 -10.87 18.05 -8.42
C ILE A 80 -11.41 19.22 -7.64
N SER A 81 -12.74 19.38 -7.63
CA SER A 81 -13.36 20.49 -6.93
C SER A 81 -13.58 20.14 -5.46
N ARG A 82 -13.49 21.15 -4.60
CA ARG A 82 -13.78 20.99 -3.18
C ARG A 82 -13.20 19.74 -2.56
N VAL A 83 -11.86 19.67 -2.61
CA VAL A 83 -11.07 18.54 -2.16
C VAL A 83 -11.46 18.11 -0.75
N LYS A 84 -11.60 16.78 -0.60
CA LYS A 84 -11.87 16.14 0.67
C LYS A 84 -10.66 15.32 1.12
N ALA A 85 -10.52 15.09 2.43
CA ALA A 85 -9.41 14.26 2.92
C ALA A 85 -9.32 12.91 2.19
N GLU A 86 -10.46 12.32 1.86
CA GLU A 86 -10.48 10.98 1.22
C GLU A 86 -10.00 10.97 -0.24
N ASP A 87 -9.76 12.16 -0.80
CA ASP A 87 -9.25 12.27 -2.16
C ASP A 87 -7.75 12.04 -2.26
N VAL A 88 -7.07 11.93 -1.12
CA VAL A 88 -5.60 11.79 -1.13
C VAL A 88 -5.20 10.47 -1.81
N GLY A 89 -4.06 10.49 -2.50
CA GLY A 89 -3.64 9.30 -3.25
C GLY A 89 -2.90 9.75 -4.47
N VAL A 90 -2.76 8.85 -5.44
CA VAL A 90 -2.06 9.14 -6.67
C VAL A 90 -3.08 9.03 -7.80
N TYR A 91 -3.08 10.05 -8.65
CA TYR A 91 -3.97 10.15 -9.82
C TYR A 91 -3.18 9.79 -11.05
N TYR A 92 -3.68 8.80 -11.79
CA TYR A 92 -3.00 8.34 -13.00
C TYR A 92 -3.87 8.63 -14.19
N CYS A 93 -3.29 9.14 -15.28
CA CYS A 93 -4.03 9.11 -16.54
C CYS A 93 -3.63 7.86 -17.32
N GLN A 94 -4.44 7.47 -18.30
CA GLN A 94 -4.08 6.32 -19.15
C GLN A 94 -4.62 6.58 -20.53
N GLN A 95 -3.77 6.50 -21.56
CA GLN A 95 -4.30 6.63 -22.91
C GLN A 95 -4.93 5.30 -23.30
N PHE A 96 -6.08 5.38 -23.95
CA PHE A 96 -6.79 4.18 -24.34
C PHE A 96 -7.06 4.14 -25.84
N VAL A 97 -6.22 4.83 -26.62
CA VAL A 97 -6.45 4.90 -28.07
C VAL A 97 -5.73 3.78 -28.84
N GLU A 98 -4.63 3.27 -28.28
CA GLU A 98 -3.81 2.27 -28.97
C GLU A 98 -2.92 1.54 -28.01
N TYR A 99 -2.47 0.34 -28.40
CA TYR A 99 -1.54 -0.40 -27.58
C TYR A 99 -0.26 0.43 -27.35
N PRO A 100 0.37 0.34 -26.17
CA PRO A 100 0.05 -0.59 -25.09
C PRO A 100 -0.76 0.08 -23.97
N PHE A 101 -1.67 1.01 -24.32
CA PHE A 101 -2.64 1.58 -23.38
C PHE A 101 -1.91 2.12 -22.16
N THR A 102 -0.88 2.91 -22.44
CA THR A 102 0.06 3.32 -21.42
C THR A 102 -0.51 4.23 -20.33
N PHE A 103 -0.09 3.92 -19.10
CA PHE A 103 -0.44 4.70 -17.92
C PHE A 103 0.63 5.76 -17.72
N GLY A 104 0.22 6.94 -17.28
CA GLY A 104 1.18 7.93 -16.85
C GLY A 104 1.81 7.53 -15.52
N SER A 105 2.85 8.26 -15.14
CA SER A 105 3.64 7.92 -13.94
C SER A 105 2.92 8.28 -12.61
N GLY A 106 1.83 9.03 -12.73
CA GLY A 106 1.01 9.43 -11.58
C GLY A 106 1.38 10.80 -11.03
N THR A 107 0.39 11.43 -10.41
CA THR A 107 0.59 12.68 -9.69
C THR A 107 0.03 12.47 -8.29
N LYS A 108 0.87 12.63 -7.28
CA LYS A 108 0.40 12.48 -5.89
C LYS A 108 -0.24 13.77 -5.40
N LEU A 109 -1.43 13.63 -4.82
CA LEU A 109 -2.10 14.76 -4.16
C LEU A 109 -1.82 14.67 -2.67
N GLU A 110 -1.30 15.75 -2.09
CA GLU A 110 -1.14 15.83 -0.63
C GLU A 110 -2.11 16.88 -0.11
N ILE A 111 -2.74 16.59 1.05
CA ILE A 111 -3.65 17.51 1.70
C ILE A 111 -2.86 18.32 2.70
N LYS A 112 -3.09 19.62 2.68
CA LYS A 112 -2.55 20.54 3.65
C LYS A 112 -3.57 20.66 4.78
N ARG A 113 -3.10 20.38 5.99
CA ARG A 113 -3.93 20.49 7.19
C ARG A 113 -3.09 21.22 8.25
N ALA A 114 -3.70 21.51 9.40
CA ALA A 114 -2.99 22.13 10.50
C ALA A 114 -1.83 21.25 10.97
N ASP A 115 -0.72 21.87 11.36
CA ASP A 115 0.39 21.11 11.94
C ASP A 115 -0.09 20.32 13.17
N ALA A 116 0.46 19.12 13.36
CA ALA A 116 0.12 18.30 14.52
C ALA A 116 1.39 17.58 14.97
N ALA A 117 1.67 17.61 16.29
CA ALA A 117 2.85 16.94 16.82
C ALA A 117 2.66 15.44 16.82
N PRO A 118 3.76 14.69 16.65
CA PRO A 118 3.68 13.25 16.70
C PRO A 118 3.33 12.81 18.10
N THR A 119 2.46 11.80 18.18
CA THR A 119 2.27 11.08 19.45
C THR A 119 3.33 9.98 19.50
N VAL A 120 4.24 10.09 20.47
CA VAL A 120 5.40 9.20 20.56
C VAL A 120 5.22 8.14 21.63
N SER A 121 5.50 6.89 21.28
CA SER A 121 5.37 5.77 22.21
C SER A 121 6.59 4.88 22.05
N ILE A 122 7.13 4.39 23.17
CA ILE A 122 8.30 3.50 23.13
C ILE A 122 8.00 2.15 23.80
N PHE A 123 8.59 1.09 23.24
CA PHE A 123 8.29 -0.29 23.65
C PHE A 123 9.59 -1.08 23.81
N PRO A 124 9.83 -1.56 25.04
CA PRO A 124 10.92 -2.49 25.28
C PRO A 124 10.74 -3.80 24.53
N PRO A 125 11.84 -4.50 24.26
CA PRO A 125 11.79 -5.87 23.75
C PRO A 125 10.85 -6.75 24.55
N SER A 126 10.09 -7.58 23.86
CA SER A 126 9.17 -8.52 24.51
C SER A 126 10.01 -9.63 25.13
N SER A 127 9.45 -10.29 26.15
CA SER A 127 10.13 -11.43 26.77
C SER A 127 10.28 -12.59 25.78
N GLU A 128 9.29 -12.76 24.91
CA GLU A 128 9.33 -13.78 23.86
C GLU A 128 10.51 -13.58 22.92
N GLN A 129 10.76 -12.34 22.51
CA GLN A 129 11.88 -12.06 21.62
C GLN A 129 13.22 -12.29 22.31
N LEU A 130 13.31 -11.89 23.58
CA LEU A 130 14.54 -12.07 24.36
C LEU A 130 14.96 -13.54 24.41
N THR A 131 13.99 -14.41 24.64
CA THR A 131 14.15 -15.87 24.56
C THR A 131 14.82 -16.30 23.25
N SER A 132 14.44 -15.66 22.14
CA SER A 132 14.92 -16.01 20.81
C SER A 132 16.36 -15.57 20.54
N GLY A 133 16.90 -14.72 21.43
CA GLY A 133 18.26 -14.23 21.30
C GLY A 133 18.35 -12.83 20.70
N GLY A 134 17.19 -12.24 20.40
CA GLY A 134 17.12 -10.92 19.79
C GLY A 134 16.41 -9.92 20.67
N ALA A 135 16.62 -8.64 20.38
CA ALA A 135 15.99 -7.56 21.14
C ALA A 135 15.70 -6.36 20.25
N SER A 136 14.42 -6.18 19.92
CA SER A 136 13.98 -5.03 19.13
C SER A 136 13.28 -4.01 20.02
N VAL A 137 13.76 -2.77 19.95
CA VAL A 137 13.12 -1.66 20.68
C VAL A 137 12.32 -0.88 19.65
N VAL A 138 11.03 -0.69 19.91
CA VAL A 138 10.15 -0.08 18.90
C VAL A 138 9.63 1.26 19.36
N CYS A 139 9.59 2.20 18.45
CA CYS A 139 9.05 3.53 18.74
C CYS A 139 8.07 3.90 17.65
N PHE A 140 6.86 4.29 18.05
CA PHE A 140 5.88 4.83 17.09
C PHE A 140 5.79 6.33 17.23
N LEU A 141 5.75 7.00 16.10
CA LEU A 141 5.58 8.45 16.03
C LEU A 141 4.35 8.65 15.15
N ASN A 142 3.22 8.87 15.79
CA ASN A 142 1.93 8.73 15.13
C ASN A 142 1.16 10.03 14.97
N ASN A 143 0.48 10.10 13.83
CA ASN A 143 -0.47 11.14 13.48
C ASN A 143 0.09 12.55 13.58
N PHE A 144 1.15 12.80 12.82
CA PHE A 144 1.75 14.11 12.79
C PHE A 144 1.61 14.76 11.42
N TYR A 145 1.77 16.08 11.39
CA TYR A 145 1.78 16.84 10.13
C TYR A 145 2.63 18.10 10.37
N PRO A 146 3.57 18.46 9.46
CA PRO A 146 3.78 17.86 8.13
C PRO A 146 4.63 16.61 8.18
N LYS A 147 4.92 16.03 7.01
CA LYS A 147 5.54 14.71 6.97
C LYS A 147 6.98 14.66 7.43
N ASP A 148 7.64 15.82 7.39
CA ASP A 148 9.07 15.91 7.69
C ASP A 148 9.31 15.72 9.17
N ILE A 149 10.14 14.74 9.50
CA ILE A 149 10.42 14.40 10.89
C ILE A 149 11.80 13.73 10.98
N ASN A 150 12.47 13.92 12.13
CA ASN A 150 13.74 13.24 12.41
C ASN A 150 13.57 12.39 13.65
N VAL A 151 14.07 11.16 13.62
CA VAL A 151 14.11 10.36 14.83
C VAL A 151 15.55 10.03 15.19
N LYS A 152 15.86 10.16 16.47
CA LYS A 152 17.19 9.89 17.00
C LYS A 152 17.06 8.92 18.18
N TRP A 153 17.94 7.93 18.23
CA TRP A 153 17.98 6.97 19.33
C TRP A 153 19.19 7.27 20.22
N LYS A 154 19.00 7.13 21.52
CA LYS A 154 20.09 7.24 22.49
C LYS A 154 20.09 6.04 23.40
N ILE A 155 21.29 5.48 23.61
CA ILE A 155 21.47 4.38 24.55
C ILE A 155 22.42 4.87 25.63
N ASP A 156 21.98 4.81 26.89
CA ASP A 156 22.71 5.39 28.00
C ASP A 156 23.29 6.76 27.65
N GLY A 157 22.46 7.61 27.04
CA GLY A 157 22.85 8.99 26.76
C GLY A 157 23.64 9.25 25.48
N SER A 158 24.07 8.17 24.81
CA SER A 158 24.88 8.27 23.61
C SER A 158 24.07 7.88 22.37
N GLU A 159 24.16 8.72 21.34
CA GLU A 159 23.40 8.51 20.11
C GLU A 159 23.77 7.20 19.44
N ARG A 160 22.75 6.50 18.93
CA ARG A 160 22.94 5.24 18.21
C ARG A 160 22.29 5.30 16.83
N GLN A 161 23.06 5.00 15.79
CA GLN A 161 22.56 5.06 14.42
C GLN A 161 22.49 3.69 13.73
N ASN A 162 23.40 2.81 14.15
CA ASN A 162 23.46 1.44 13.58
C ASN A 162 22.36 0.53 14.14
N GLY A 163 21.71 -0.19 13.23
CA GLY A 163 20.66 -1.14 13.62
C GLY A 163 19.29 -0.50 13.70
N VAL A 164 19.18 0.74 13.23
CA VAL A 164 17.89 1.44 13.20
C VAL A 164 17.23 1.21 11.82
N LEU A 165 15.98 0.74 11.82
CA LEU A 165 15.17 0.66 10.61
C LEU A 165 13.87 1.43 10.75
N ASN A 166 13.59 2.28 9.77
CA ASN A 166 12.42 3.17 9.80
C ASN A 166 11.41 2.84 8.71
N SER A 167 10.14 3.07 9.01
CA SER A 167 9.06 2.90 8.03
C SER A 167 8.04 4.02 8.21
N TRP A 168 7.49 4.47 7.08
CA TRP A 168 6.57 5.61 7.11
C TRP A 168 5.29 5.26 6.36
N THR A 169 4.15 5.68 6.90
CA THR A 169 2.87 5.49 6.21
C THR A 169 2.67 6.56 5.16
N ASP A 170 1.76 6.27 4.23
CA ASP A 170 1.24 7.28 3.32
C ASP A 170 0.32 8.19 4.11
N GLN A 171 -0.07 9.30 3.51
CA GLN A 171 -0.97 10.25 4.19
C GLN A 171 -2.32 9.63 4.48
N ASP A 172 -2.82 9.83 5.69
CA ASP A 172 -4.07 9.22 6.16
C ASP A 172 -5.31 9.74 5.42
N SER A 173 -6.19 8.83 4.97
CA SER A 173 -7.39 9.23 4.22
C SER A 173 -8.47 9.92 5.04
N LYS A 174 -8.37 9.82 6.37
CA LYS A 174 -9.38 10.39 7.27
C LYS A 174 -8.93 11.68 7.93
N ASP A 175 -7.71 11.70 8.48
CA ASP A 175 -7.25 12.92 9.16
C ASP A 175 -6.04 13.61 8.53
N SER A 176 -5.61 13.15 7.36
CA SER A 176 -4.53 13.80 6.60
C SER A 176 -3.18 13.89 7.34
N THR A 177 -2.95 13.03 8.33
CA THR A 177 -1.64 12.97 8.99
C THR A 177 -0.78 11.85 8.44
N TYR A 178 0.46 11.81 8.97
CA TYR A 178 1.43 10.79 8.64
C TYR A 178 1.82 10.08 9.93
N SER A 179 2.31 8.85 9.81
CA SER A 179 2.86 8.16 10.98
C SER A 179 4.17 7.47 10.61
N MET A 180 4.97 7.14 11.62
CA MET A 180 6.27 6.52 11.36
C MET A 180 6.59 5.52 12.47
N SER A 181 7.25 4.43 12.10
CA SER A 181 7.77 3.46 13.07
C SER A 181 9.30 3.48 13.00
N SER A 182 9.95 3.43 14.17
CA SER A 182 11.40 3.33 14.21
C SER A 182 11.76 2.16 15.11
N THR A 183 12.52 1.19 14.56
CA THR A 183 12.90 0.01 15.32
C THR A 183 14.40 -0.11 15.44
N LEU A 184 14.86 -0.19 16.68
CA LEU A 184 16.27 -0.36 16.99
C LEU A 184 16.46 -1.83 17.34
N THR A 185 17.17 -2.56 16.48
CA THR A 185 17.37 -4.00 16.69
C THR A 185 18.78 -4.30 17.16
N LEU A 186 18.85 -5.07 18.25
CA LEU A 186 20.10 -5.43 18.91
C LEU A 186 20.06 -6.90 19.27
N THR A 187 21.23 -7.46 19.62
CA THR A 187 21.25 -8.80 20.19
C THR A 187 20.81 -8.69 21.63
N LYS A 188 20.20 -9.76 22.15
CA LYS A 188 19.84 -9.86 23.56
C LYS A 188 21.01 -9.44 24.45
N ASP A 189 22.19 -10.00 24.20
CA ASP A 189 23.42 -9.60 24.90
C ASP A 189 23.66 -8.09 24.86
N GLU A 190 23.61 -7.48 23.68
CA GLU A 190 23.78 -6.02 23.52
C GLU A 190 22.76 -5.24 24.36
N TYR A 191 21.51 -5.68 24.30
CA TYR A 191 20.42 -5.05 25.04
C TYR A 191 20.60 -5.13 26.56
N GLU A 192 21.09 -6.27 27.05
CA GLU A 192 21.31 -6.48 28.49
C GLU A 192 22.49 -5.67 29.02
N ARG A 193 23.31 -5.12 28.14
CA ARG A 193 24.52 -4.40 28.55
C ARG A 193 24.31 -2.90 28.70
N HIS A 194 23.06 -2.46 28.54
CA HIS A 194 22.73 -1.05 28.65
C HIS A 194 21.44 -0.87 29.43
N ASN A 195 21.20 0.34 29.91
CA ASN A 195 20.05 0.61 30.76
C ASN A 195 18.99 1.56 30.20
N SER A 196 19.42 2.73 29.74
CA SER A 196 18.50 3.78 29.31
C SER A 196 18.38 3.80 27.79
N TYR A 197 17.15 3.68 27.29
CA TYR A 197 16.89 3.73 25.86
C TYR A 197 15.91 4.84 25.59
N THR A 198 16.23 5.70 24.62
CA THR A 198 15.39 6.85 24.30
C THR A 198 15.16 6.96 22.78
N CYS A 199 13.90 7.20 22.42
CA CYS A 199 13.47 7.56 21.06
C CYS A 199 13.15 9.05 21.11
N GLU A 200 13.69 9.83 20.19
CA GLU A 200 13.57 11.28 20.20
C GLU A 200 13.12 11.80 18.83
N ALA A 201 11.97 12.48 18.81
CA ALA A 201 11.39 12.99 17.56
C ALA A 201 11.65 14.49 17.46
N THR A 202 12.25 14.93 16.36
CA THR A 202 12.35 16.35 16.06
C THR A 202 11.38 16.71 14.94
N HIS A 203 10.45 17.61 15.25
CA HIS A 203 9.36 17.96 14.36
C HIS A 203 9.11 19.46 14.52
N LYS A 204 8.64 20.10 13.46
CA LYS A 204 8.39 21.55 13.40
C LYS A 204 7.49 22.08 14.53
N THR A 205 6.64 21.20 15.08
CA THR A 205 5.67 21.57 16.11
C THR A 205 6.26 21.76 17.51
N SER A 206 7.55 21.44 17.68
CA SER A 206 8.20 21.58 18.99
C SER A 206 9.63 22.09 18.83
N THR A 207 10.01 23.05 19.66
CA THR A 207 11.42 23.48 19.73
C THR A 207 12.31 22.35 20.25
N SER A 208 11.86 21.63 21.26
CA SER A 208 12.65 20.55 21.82
C SER A 208 12.24 19.26 21.18
N PRO A 209 13.17 18.30 21.05
CA PRO A 209 12.80 16.95 20.69
C PRO A 209 11.73 16.41 21.64
N ILE A 210 10.80 15.65 21.08
CA ILE A 210 9.78 14.98 21.88
C ILE A 210 10.30 13.58 22.15
N VAL A 211 10.60 13.30 23.41
CA VAL A 211 11.33 12.08 23.73
C VAL A 211 10.51 11.12 24.58
N LYS A 212 10.73 9.83 24.34
CA LYS A 212 10.13 8.79 25.16
C LYS A 212 11.26 7.87 25.57
N SER A 213 11.26 7.48 26.84
CA SER A 213 12.37 6.71 27.37
C SER A 213 11.90 5.57 28.24
N PHE A 214 12.75 4.56 28.40
CA PHE A 214 12.55 3.59 29.47
C PHE A 214 13.91 3.08 29.95
N ASN A 215 13.93 2.60 31.19
CA ASN A 215 15.10 1.95 31.76
C ASN A 215 14.91 0.44 31.81
N ARG A 216 15.90 -0.29 31.30
CA ARG A 216 15.78 -1.76 31.19
C ARG A 216 15.41 -2.41 32.52
N GLU B 1 -22.05 -4.54 -9.33
CA GLU B 1 -22.45 -5.88 -8.75
C GLU B 1 -21.49 -6.99 -9.22
N VAL B 2 -20.67 -6.65 -10.20
CA VAL B 2 -19.57 -7.49 -10.68
C VAL B 2 -18.46 -7.46 -9.64
N LYS B 3 -17.78 -8.59 -9.46
CA LYS B 3 -16.59 -8.65 -8.62
C LYS B 3 -15.52 -9.53 -9.26
N LEU B 4 -14.27 -9.09 -9.18
CA LEU B 4 -13.15 -9.84 -9.72
C LEU B 4 -12.16 -10.11 -8.60
N SER B 5 -11.51 -11.27 -8.65
CA SER B 5 -10.54 -11.64 -7.62
C SER B 5 -9.39 -12.44 -8.17
N GLU B 6 -8.18 -11.95 -7.99
CA GLU B 6 -6.98 -12.66 -8.40
C GLU B 6 -6.60 -13.73 -7.36
N SER B 7 -6.05 -14.83 -7.84
CA SER B 7 -5.44 -15.84 -6.96
C SER B 7 -4.21 -16.49 -7.59
N GLY B 8 -3.33 -17.04 -6.75
CA GLY B 8 -2.14 -17.75 -7.23
C GLY B 8 -0.92 -17.63 -6.34
N PRO B 9 0.13 -18.39 -6.65
CA PRO B 9 1.37 -18.34 -5.86
C PRO B 9 1.90 -16.92 -5.66
N GLY B 10 2.35 -16.61 -4.46
CA GLY B 10 2.97 -15.32 -4.16
C GLY B 10 4.47 -15.34 -4.35
N LEU B 11 5.01 -16.53 -4.61
CA LEU B 11 6.44 -16.70 -4.83
C LEU B 11 6.67 -17.64 -6.00
N VAL B 12 7.47 -17.19 -6.95
CA VAL B 12 7.85 -17.97 -8.12
C VAL B 12 9.35 -17.84 -8.28
N LYS B 13 10.03 -18.96 -8.59
CA LYS B 13 11.46 -18.94 -8.82
C LYS B 13 11.82 -18.42 -10.20
N PRO B 14 12.96 -17.75 -10.32
CA PRO B 14 13.44 -17.25 -11.61
C PRO B 14 13.53 -18.33 -12.66
N SER B 15 13.21 -17.95 -13.91
CA SER B 15 13.13 -18.86 -15.06
C SER B 15 11.88 -19.76 -15.07
N GLN B 16 11.15 -19.80 -13.95
CA GLN B 16 9.90 -20.56 -13.89
C GLN B 16 8.73 -19.77 -14.46
N SER B 17 7.53 -20.35 -14.38
CA SER B 17 6.33 -19.81 -15.01
C SER B 17 5.39 -19.27 -13.94
N LEU B 18 4.93 -18.04 -14.13
CA LEU B 18 3.94 -17.45 -13.24
C LEU B 18 2.53 -17.75 -13.79
N SER B 19 1.65 -18.26 -12.92
CA SER B 19 0.24 -18.49 -13.29
C SER B 19 -0.72 -17.84 -12.32
N LEU B 20 -1.60 -16.98 -12.82
CA LEU B 20 -2.64 -16.41 -11.99
C LEU B 20 -4.04 -16.65 -12.53
N THR B 21 -4.99 -16.67 -11.60
CA THR B 21 -6.39 -16.82 -11.90
C THR B 21 -7.17 -15.57 -11.51
N CYS B 22 -8.04 -15.12 -12.41
CA CYS B 22 -9.04 -14.13 -12.08
C CYS B 22 -10.39 -14.81 -12.04
N THR B 23 -11.01 -14.85 -10.86
CA THR B 23 -12.35 -15.36 -10.74
C THR B 23 -13.35 -14.22 -10.81
N VAL B 24 -14.25 -14.31 -11.79
CA VAL B 24 -15.28 -13.29 -11.99
C VAL B 24 -16.63 -13.78 -11.48
N THR B 25 -17.25 -12.98 -10.62
CA THR B 25 -18.61 -13.29 -10.17
C THR B 25 -19.56 -12.15 -10.51
N GLY B 26 -20.81 -12.48 -10.81
CA GLY B 26 -21.76 -11.42 -11.06
C GLY B 26 -21.90 -11.00 -12.50
N TYR B 27 -21.02 -11.52 -13.36
CA TYR B 27 -21.05 -11.19 -14.78
C TYR B 27 -20.36 -12.28 -15.60
N SER B 28 -20.91 -12.60 -16.77
CA SER B 28 -20.35 -13.64 -17.62
C SER B 28 -19.12 -13.15 -18.40
N ILE B 29 -18.05 -13.95 -18.44
CA ILE B 29 -16.87 -13.56 -19.24
C ILE B 29 -16.97 -13.82 -20.74
N THR B 30 -18.00 -14.54 -21.18
CA THR B 30 -18.22 -14.70 -22.62
C THR B 30 -18.95 -13.47 -23.17
N THR B 31 -18.36 -12.31 -22.93
CA THR B 31 -19.01 -11.05 -23.25
C THR B 31 -18.01 -10.15 -23.93
N ASN B 32 -18.53 -9.06 -24.48
CA ASN B 32 -17.74 -8.04 -25.14
C ASN B 32 -17.16 -7.02 -24.18
N TYR B 33 -16.24 -7.51 -23.36
CA TYR B 33 -15.44 -6.65 -22.52
C TYR B 33 -14.03 -7.15 -22.66
N ALA B 34 -13.07 -6.27 -22.41
CA ALA B 34 -11.70 -6.67 -22.38
C ALA B 34 -11.36 -7.09 -20.95
N TRP B 35 -11.31 -8.39 -20.75
CA TRP B 35 -10.98 -8.99 -19.48
C TRP B 35 -9.47 -8.91 -19.38
N THR B 36 -8.99 -7.99 -18.54
CA THR B 36 -7.56 -7.63 -18.64
C THR B 36 -6.70 -7.83 -17.41
N TRP B 37 -5.42 -8.02 -17.65
CA TRP B 37 -4.41 -8.10 -16.61
C TRP B 37 -3.55 -6.86 -16.65
N ILE B 38 -3.39 -6.27 -15.46
CA ILE B 38 -2.54 -5.09 -15.27
C ILE B 38 -1.58 -5.45 -14.15
N ARG B 39 -0.37 -4.90 -14.18
CA ARG B 39 0.50 -5.08 -13.00
C ARG B 39 1.13 -3.78 -12.55
N GLN B 40 1.47 -3.73 -11.27
CA GLN B 40 2.03 -2.53 -10.69
C GLN B 40 3.33 -2.92 -9.99
N PHE B 41 4.42 -2.30 -10.43
CA PHE B 41 5.75 -2.66 -9.97
C PHE B 41 6.01 -2.04 -8.60
N PRO B 42 7.02 -2.52 -7.85
CA PRO B 42 7.48 -1.79 -6.68
C PRO B 42 7.88 -0.39 -7.17
N GLY B 43 7.44 0.65 -6.49
CA GLY B 43 7.70 1.99 -7.00
C GLY B 43 6.47 2.56 -7.70
N ASN B 44 5.53 1.67 -8.01
CA ASN B 44 4.13 2.00 -8.37
C ASN B 44 3.83 2.19 -9.85
N LYS B 45 4.82 1.99 -10.71
CA LYS B 45 4.54 2.05 -12.15
C LYS B 45 3.51 0.98 -12.55
N LEU B 46 2.50 1.41 -13.32
CA LEU B 46 1.47 0.50 -13.83
C LEU B 46 1.71 0.11 -15.28
N GLU B 47 1.48 -1.16 -15.59
CA GLU B 47 1.71 -1.65 -16.96
C GLU B 47 0.52 -2.50 -17.40
N TRP B 48 -0.01 -2.21 -18.59
CA TRP B 48 -1.05 -3.02 -19.18
C TRP B 48 -0.37 -4.28 -19.75
N MET B 49 -0.90 -5.47 -19.41
CA MET B 49 -0.30 -6.74 -19.86
C MET B 49 -1.02 -7.33 -21.07
N GLY B 50 -2.35 -7.34 -21.02
CA GLY B 50 -3.10 -7.89 -22.14
C GLY B 50 -4.54 -8.10 -21.77
N TYR B 51 -5.38 -8.47 -22.75
CA TYR B 51 -6.75 -8.84 -22.45
C TYR B 51 -7.16 -10.06 -23.25
N ILE B 52 -8.27 -10.67 -22.81
CA ILE B 52 -9.06 -11.57 -23.64
C ILE B 52 -10.45 -10.93 -23.75
N ARG B 53 -11.08 -11.03 -24.92
CA ARG B 53 -12.42 -10.51 -25.09
C ARG B 53 -13.22 -11.44 -26.01
N SER B 54 -14.52 -11.50 -25.77
CA SER B 54 -15.40 -12.31 -26.59
C SER B 54 -14.90 -13.74 -26.74
N SER B 55 -14.34 -14.25 -25.64
CA SER B 55 -13.91 -15.64 -25.52
C SER B 55 -12.68 -16.07 -26.30
N VAL B 56 -12.48 -15.52 -27.50
CA VAL B 56 -11.42 -16.05 -28.38
C VAL B 56 -10.48 -15.01 -28.97
N ILE B 57 -10.61 -13.75 -28.53
CA ILE B 57 -9.77 -12.71 -29.09
C ILE B 57 -8.86 -12.20 -27.98
N THR B 58 -7.56 -12.09 -28.23
CA THR B 58 -6.62 -11.57 -27.21
C THR B 58 -5.72 -10.49 -27.80
N ARG B 59 -5.09 -9.74 -26.91
CA ARG B 59 -4.04 -8.82 -27.32
C ARG B 59 -3.10 -8.67 -26.14
N TYR B 60 -1.81 -8.59 -26.43
CA TYR B 60 -0.79 -8.55 -25.40
C TYR B 60 0.12 -7.36 -25.60
N ASN B 61 0.71 -6.89 -24.50
CA ASN B 61 1.81 -5.93 -24.57
C ASN B 61 3.04 -6.50 -25.26
N PRO B 62 3.53 -5.84 -26.31
CA PRO B 62 4.75 -6.31 -27.00
C PRO B 62 5.97 -6.43 -26.08
N SER B 63 5.96 -5.73 -24.95
CA SER B 63 7.08 -5.78 -23.99
C SER B 63 7.24 -7.18 -23.39
N LEU B 64 6.18 -7.97 -23.47
CA LEU B 64 6.13 -9.25 -22.81
C LEU B 64 6.53 -10.36 -23.77
N LYS B 65 6.91 -9.96 -24.99
CA LYS B 65 7.40 -10.87 -26.03
C LYS B 65 6.44 -12.06 -26.19
N SER B 66 6.96 -13.27 -26.26
CA SER B 66 6.08 -14.41 -26.33
C SER B 66 6.02 -15.14 -25.00
N ARG B 67 6.21 -14.38 -23.90
CA ARG B 67 6.18 -14.99 -22.58
C ARG B 67 4.77 -15.12 -22.02
N ILE B 68 3.82 -14.39 -22.63
CA ILE B 68 2.48 -14.24 -22.08
C ILE B 68 1.37 -14.95 -22.84
N SER B 69 0.47 -15.54 -22.08
CA SER B 69 -0.72 -16.14 -22.63
C SER B 69 -1.89 -15.82 -21.72
N ILE B 70 -3.00 -15.37 -22.30
CA ILE B 70 -4.24 -15.21 -21.54
C ILE B 70 -5.31 -16.12 -22.12
N THR B 71 -5.90 -16.94 -21.24
CA THR B 71 -6.89 -17.95 -21.63
C THR B 71 -8.06 -17.85 -20.67
N GLN B 72 -9.10 -18.61 -20.94
CA GLN B 72 -10.23 -18.66 -20.01
C GLN B 72 -10.84 -20.03 -19.87
N ASP B 73 -11.51 -20.21 -18.74
CA ASP B 73 -12.33 -21.38 -18.48
C ASP B 73 -13.75 -20.89 -18.31
N THR B 74 -14.54 -21.03 -19.37
CA THR B 74 -15.92 -20.57 -19.38
C THR B 74 -16.79 -21.26 -18.31
N SER B 75 -16.60 -22.57 -18.14
CA SER B 75 -17.30 -23.33 -17.10
C SER B 75 -17.14 -22.76 -15.68
N LYS B 76 -15.98 -22.16 -15.41
CA LYS B 76 -15.68 -21.65 -14.08
C LYS B 76 -15.80 -20.12 -14.00
N ASN B 77 -16.07 -19.50 -15.14
CA ASN B 77 -16.11 -18.02 -15.28
C ASN B 77 -14.81 -17.38 -14.77
N GLN B 78 -13.72 -17.95 -15.23
CA GLN B 78 -12.38 -17.52 -14.84
C GLN B 78 -11.54 -17.22 -16.06
N PHE B 79 -10.68 -16.20 -15.96
CA PHE B 79 -9.62 -16.06 -16.95
C PHE B 79 -8.24 -16.08 -16.31
N PHE B 80 -7.23 -16.37 -17.11
CA PHE B 80 -5.93 -16.77 -16.59
C PHE B 80 -4.82 -15.99 -17.23
N LEU B 81 -3.76 -15.80 -16.46
CA LEU B 81 -2.54 -15.23 -16.93
C LEU B 81 -1.45 -16.27 -16.76
N GLN B 82 -0.75 -16.54 -17.84
CA GLN B 82 0.50 -17.26 -17.78
C GLN B 82 1.63 -16.37 -18.26
N LEU B 83 2.69 -16.29 -17.47
CA LEU B 83 3.86 -15.53 -17.84
C LEU B 83 5.09 -16.40 -17.62
N ASN B 84 5.75 -16.76 -18.72
CA ASN B 84 6.88 -17.68 -18.68
C ASN B 84 8.22 -17.00 -18.43
N SER B 85 9.21 -17.81 -18.05
CA SER B 85 10.60 -17.38 -17.94
C SER B 85 10.76 -16.10 -17.13
N VAL B 86 10.17 -16.10 -15.94
CA VAL B 86 10.17 -14.90 -15.10
C VAL B 86 11.55 -14.57 -14.55
N THR B 87 11.79 -13.28 -14.30
CA THR B 87 12.95 -12.80 -13.60
C THR B 87 12.48 -11.89 -12.47
N THR B 88 13.40 -11.42 -11.65
CA THR B 88 13.07 -10.49 -10.56
C THR B 88 12.32 -9.25 -11.06
N GLU B 89 12.50 -8.89 -12.32
CA GLU B 89 11.79 -7.75 -12.91
C GLU B 89 10.28 -7.96 -13.04
N ASP B 90 9.83 -9.20 -12.82
CA ASP B 90 8.40 -9.53 -12.88
C ASP B 90 7.73 -9.50 -11.50
N THR B 91 8.52 -9.21 -10.47
CA THR B 91 7.96 -8.94 -9.15
C THR B 91 7.04 -7.74 -9.24
N ALA B 92 5.79 -7.93 -8.83
CA ALA B 92 4.77 -6.90 -8.96
C ALA B 92 3.49 -7.34 -8.26
N THR B 93 2.57 -6.40 -8.09
CA THR B 93 1.20 -6.71 -7.74
C THR B 93 0.41 -6.82 -9.03
N TYR B 94 -0.26 -7.96 -9.20
CA TYR B 94 -1.06 -8.29 -10.39
C TYR B 94 -2.54 -8.07 -10.16
N TYR B 95 -3.17 -7.35 -11.09
CA TYR B 95 -4.58 -7.02 -11.00
C TYR B 95 -5.33 -7.53 -12.21
N CYS B 96 -6.52 -8.07 -12.00
CA CYS B 96 -7.46 -8.19 -13.12
C CYS B 96 -8.52 -7.10 -13.11
N ALA B 97 -9.00 -6.75 -14.30
CA ALA B 97 -9.99 -5.70 -14.43
C ALA B 97 -10.87 -5.91 -15.63
N ARG B 98 -12.09 -5.37 -15.57
CA ARG B 98 -12.98 -5.46 -16.71
C ARG B 98 -13.00 -4.10 -17.38
N TYR B 99 -12.37 -3.99 -18.56
CA TYR B 99 -12.42 -2.77 -19.34
C TYR B 99 -13.50 -2.90 -20.38
N ASP B 100 -14.38 -1.90 -20.49
CA ASP B 100 -15.19 -1.83 -21.70
C ASP B 100 -14.43 -1.24 -22.88
N TYR B 101 -15.04 -1.30 -24.06
CA TYR B 101 -14.33 -0.92 -25.26
C TYR B 101 -14.01 0.58 -25.34
N TYR B 102 -14.61 1.37 -24.43
CA TYR B 102 -14.37 2.82 -24.34
C TYR B 102 -13.38 3.20 -23.24
N GLY B 103 -12.89 2.20 -22.53
CA GLY B 103 -11.87 2.42 -21.51
C GLY B 103 -12.41 2.42 -20.09
N ASN B 104 -13.73 2.26 -19.95
CA ASN B 104 -14.34 2.29 -18.62
C ASN B 104 -14.16 1.00 -17.85
N THR B 105 -13.53 1.07 -16.68
CA THR B 105 -13.44 -0.09 -15.77
C THR B 105 -14.33 0.08 -14.55
N GLY B 106 -14.84 1.28 -14.33
CA GLY B 106 -15.39 1.61 -12.99
C GLY B 106 -14.41 1.15 -11.91
N ASP B 107 -14.96 0.56 -10.85
CA ASP B 107 -14.10 -0.03 -9.82
C ASP B 107 -14.06 -1.55 -9.93
N TYR B 108 -14.28 -2.06 -11.15
CA TYR B 108 -14.22 -3.51 -11.41
C TYR B 108 -12.79 -3.94 -11.63
N TRP B 109 -12.02 -3.83 -10.57
CA TRP B 109 -10.67 -4.32 -10.45
C TRP B 109 -10.68 -5.28 -9.29
N GLY B 110 -9.83 -6.31 -9.35
CA GLY B 110 -9.54 -7.14 -8.19
C GLY B 110 -8.76 -6.38 -7.13
N GLN B 111 -8.56 -7.02 -5.98
CA GLN B 111 -7.78 -6.41 -4.89
C GLN B 111 -6.30 -6.48 -5.19
N GLY B 112 -5.94 -7.28 -6.18
CA GLY B 112 -4.55 -7.45 -6.56
C GLY B 112 -3.95 -8.60 -5.79
N THR B 113 -2.98 -9.26 -6.41
CA THR B 113 -2.21 -10.28 -5.71
C THR B 113 -0.73 -10.05 -5.94
N SER B 114 0.03 -10.11 -4.85
CA SER B 114 1.47 -9.90 -4.90
C SER B 114 2.18 -11.14 -5.44
N VAL B 115 3.07 -10.95 -6.41
CA VAL B 115 3.95 -12.02 -6.87
C VAL B 115 5.39 -11.56 -6.74
N THR B 116 6.17 -12.32 -5.98
CA THR B 116 7.59 -12.09 -5.81
C THR B 116 8.36 -13.14 -6.59
N VAL B 117 9.33 -12.70 -7.39
CA VAL B 117 10.20 -13.64 -8.11
C VAL B 117 11.57 -13.65 -7.42
N SER B 118 11.91 -14.81 -6.85
CA SER B 118 13.10 -14.93 -6.01
C SER B 118 13.48 -16.39 -5.81
N SER B 119 14.77 -16.63 -5.55
CA SER B 119 15.29 -17.96 -5.23
C SER B 119 15.25 -18.23 -3.73
N ALA B 120 14.98 -17.18 -2.96
CA ALA B 120 14.92 -17.26 -1.49
C ALA B 120 13.73 -18.10 -1.01
N LYS B 121 13.79 -18.54 0.24
CA LYS B 121 12.82 -19.51 0.74
C LYS B 121 11.71 -18.87 1.57
N THR B 122 10.53 -19.48 1.52
CA THR B 122 9.41 -19.05 2.34
C THR B 122 9.76 -19.22 3.81
N THR B 123 9.66 -18.13 4.57
CA THR B 123 9.93 -18.16 6.01
C THR B 123 8.74 -17.53 6.73
N PRO B 124 8.23 -18.20 7.77
CA PRO B 124 7.13 -17.64 8.56
C PRO B 124 7.65 -16.56 9.54
N PRO B 125 6.82 -15.58 9.86
CA PRO B 125 7.21 -14.55 10.82
C PRO B 125 7.12 -15.05 12.26
N SER B 126 7.95 -14.49 13.13
CA SER B 126 7.71 -14.56 14.55
C SER B 126 7.00 -13.28 14.95
N VAL B 127 5.93 -13.42 15.72
CA VAL B 127 5.09 -12.31 16.12
C VAL B 127 5.31 -12.01 17.60
N TYR B 128 5.59 -10.73 17.90
CA TYR B 128 5.89 -10.32 19.27
C TYR B 128 4.96 -9.19 19.74
N PRO B 129 4.48 -9.29 20.97
CA PRO B 129 3.63 -8.25 21.55
C PRO B 129 4.44 -7.01 21.91
N LEU B 130 3.83 -5.85 21.73
CA LEU B 130 4.44 -4.60 22.16
C LEU B 130 3.54 -4.02 23.27
N ALA B 131 3.94 -4.20 24.49
CA ALA B 131 3.20 -3.60 25.56
C ALA B 131 4.04 -2.40 26.03
N PRO B 132 3.44 -1.49 26.78
CA PRO B 132 4.20 -0.41 27.37
C PRO B 132 5.00 -0.87 28.60
N GLY B 133 6.19 -0.29 28.77
CA GLY B 133 7.09 -0.64 29.87
C GLY B 133 6.47 -0.48 31.26
N THR B 134 5.87 0.68 31.51
CA THR B 134 5.24 0.95 32.80
C THR B 134 3.76 1.30 32.64
N ALA B 135 3.28 2.20 33.50
CA ALA B 135 1.92 2.74 33.36
C ALA B 135 1.99 4.14 32.76
N ALA B 136 1.03 4.44 31.90
CA ALA B 136 0.86 5.78 31.35
C ALA B 136 -0.51 6.32 31.74
N LEU B 137 -0.69 7.63 31.57
CA LEU B 137 -1.94 8.31 31.87
C LEU B 137 -3.20 7.49 31.53
N LYS B 138 -4.06 7.28 32.55
CA LYS B 138 -5.36 6.64 32.39
C LYS B 138 -6.32 7.74 31.93
N SER B 139 -7.58 7.41 31.68
CA SER B 139 -8.59 8.35 31.19
C SER B 139 -7.97 9.18 30.05
N SER B 140 -7.29 8.45 29.16
CA SER B 140 -6.62 9.00 27.99
C SER B 140 -6.52 7.86 27.00
N MET B 141 -5.48 7.88 26.16
CA MET B 141 -5.28 6.82 25.20
C MET B 141 -4.03 6.02 25.52
N VAL B 142 -4.04 4.76 25.12
CA VAL B 142 -2.87 3.91 25.24
C VAL B 142 -2.58 3.28 23.88
N THR B 143 -1.31 3.29 23.50
CA THR B 143 -0.88 2.66 22.26
C THR B 143 -0.23 1.31 22.55
N LEU B 144 -0.63 0.31 21.77
CA LEU B 144 -0.08 -1.04 21.86
C LEU B 144 0.40 -1.44 20.47
N GLY B 145 1.13 -2.52 20.37
CA GLY B 145 1.62 -2.90 19.03
C GLY B 145 1.97 -4.35 18.88
N CYS B 146 2.37 -4.71 17.66
CA CYS B 146 2.90 -6.02 17.34
C CYS B 146 4.05 -5.89 16.36
N LEU B 147 5.09 -6.66 16.62
CA LEU B 147 6.25 -6.71 15.75
C LEU B 147 6.22 -8.03 15.00
N VAL B 148 6.12 -7.95 13.69
CA VAL B 148 6.01 -9.13 12.82
C VAL B 148 7.36 -9.25 12.12
N LYS B 149 8.17 -10.20 12.59
CA LYS B 149 9.59 -10.18 12.26
C LYS B 149 10.05 -11.40 11.47
N GLY B 150 10.86 -11.17 10.45
CA GLY B 150 11.63 -12.23 9.77
C GLY B 150 10.88 -13.15 8.82
N TYR B 151 10.01 -12.58 7.99
CA TYR B 151 9.22 -13.37 7.05
C TYR B 151 9.62 -13.10 5.60
N PHE B 152 9.26 -14.04 4.73
CA PHE B 152 9.47 -13.92 3.28
C PHE B 152 8.52 -14.92 2.60
N PRO B 153 7.88 -14.54 1.50
CA PRO B 153 7.86 -13.18 0.95
C PRO B 153 6.72 -12.35 1.55
N GLU B 154 6.53 -11.13 1.03
CA GLU B 154 5.32 -10.34 1.26
C GLU B 154 4.12 -11.08 0.65
N PRO B 155 2.91 -10.90 1.19
CA PRO B 155 2.62 -9.94 2.26
C PRO B 155 2.19 -10.64 3.55
N VAL B 156 1.99 -9.84 4.58
CA VAL B 156 1.35 -10.27 5.82
C VAL B 156 0.10 -9.43 5.96
N THR B 157 -0.94 -9.98 6.60
CA THR B 157 -2.09 -9.17 6.98
C THR B 157 -2.21 -9.11 8.51
N VAL B 158 -2.34 -7.90 9.05
CA VAL B 158 -2.53 -7.69 10.47
C VAL B 158 -3.91 -7.09 10.73
N THR B 159 -4.68 -7.73 11.62
CA THR B 159 -5.88 -7.11 12.17
C THR B 159 -5.77 -7.08 13.68
N TRP B 160 -6.72 -6.41 14.32
CA TRP B 160 -6.72 -6.30 15.77
C TRP B 160 -8.10 -6.72 16.25
N ASN B 161 -8.12 -7.53 17.31
CA ASN B 161 -9.35 -8.17 17.78
C ASN B 161 -10.19 -8.68 16.59
N SER B 162 -9.53 -9.45 15.72
CA SER B 162 -10.14 -10.00 14.50
C SER B 162 -11.00 -9.00 13.70
N GLY B 163 -10.48 -7.80 13.52
CA GLY B 163 -11.15 -6.77 12.72
C GLY B 163 -12.03 -5.82 13.51
N SER B 164 -12.39 -6.21 14.73
CA SER B 164 -13.23 -5.40 15.61
C SER B 164 -12.59 -4.05 15.98
N LEU B 165 -11.26 -4.03 16.03
CA LEU B 165 -10.52 -2.81 16.29
C LEU B 165 -9.92 -2.35 14.93
N SER B 166 -10.59 -1.36 14.31
CA SER B 166 -10.22 -0.87 13.01
C SER B 166 -9.68 0.57 12.97
N SER B 167 -10.32 1.46 13.71
CA SER B 167 -9.84 2.83 13.83
C SER B 167 -8.60 2.85 14.74
N GLY B 168 -7.72 3.83 14.51
CA GLY B 168 -6.53 4.00 15.36
C GLY B 168 -5.47 2.93 15.18
N VAL B 169 -5.54 2.18 14.08
CA VAL B 169 -4.48 1.23 13.75
C VAL B 169 -3.59 1.81 12.66
N HIS B 170 -2.29 1.61 12.83
CA HIS B 170 -1.34 1.93 11.80
C HIS B 170 -0.49 0.71 11.55
N THR B 171 -0.65 0.12 10.38
CA THR B 171 0.22 -0.98 10.00
C THR B 171 1.24 -0.45 9.00
N PHE B 172 2.51 -0.49 9.40
CA PHE B 172 3.58 0.11 8.64
C PHE B 172 4.11 -0.79 7.52
N PRO B 173 4.59 -0.17 6.45
CA PRO B 173 5.21 -0.91 5.34
C PRO B 173 6.40 -1.73 5.83
N ALA B 174 6.52 -2.94 5.31
CA ALA B 174 7.59 -3.82 5.72
C ALA B 174 8.94 -3.24 5.28
N VAL B 175 9.97 -3.57 6.04
CA VAL B 175 11.33 -3.20 5.68
C VAL B 175 12.06 -4.51 5.40
N LEU B 176 12.86 -4.52 4.34
CA LEU B 176 13.59 -5.70 3.93
C LEU B 176 15.02 -5.64 4.39
N GLN B 177 15.45 -6.70 5.05
CA GLN B 177 16.79 -6.81 5.59
C GLN B 177 17.22 -8.27 5.46
N SER B 178 18.23 -8.50 4.63
CA SER B 178 18.81 -9.83 4.43
C SER B 178 17.79 -10.88 3.98
N ASP B 179 17.04 -10.54 2.94
CA ASP B 179 15.98 -11.41 2.38
C ASP B 179 14.86 -11.74 3.37
N LEU B 180 14.76 -10.95 4.44
CA LEU B 180 13.65 -11.09 5.38
C LEU B 180 12.98 -9.76 5.65
N TYR B 181 11.65 -9.79 5.74
CA TYR B 181 10.86 -8.59 5.97
C TYR B 181 10.48 -8.47 7.43
N THR B 182 10.39 -7.23 7.92
CA THR B 182 9.91 -6.93 9.25
C THR B 182 8.90 -5.80 9.16
N LEU B 183 7.80 -5.93 9.89
CA LEU B 183 6.73 -4.93 9.93
C LEU B 183 6.27 -4.75 11.37
N THR B 184 5.76 -3.57 11.70
CA THR B 184 5.13 -3.35 13.00
C THR B 184 3.72 -2.82 12.76
N SER B 185 2.82 -3.08 13.69
CA SER B 185 1.51 -2.47 13.66
C SER B 185 1.25 -1.85 15.02
N SER B 186 0.70 -0.63 15.03
CA SER B 186 0.29 -0.03 16.29
C SER B 186 -1.22 0.08 16.37
N VAL B 187 -1.76 0.06 17.59
CA VAL B 187 -3.17 0.28 17.77
C VAL B 187 -3.35 1.17 19.01
N THR B 188 -4.24 2.15 18.90
CA THR B 188 -4.47 3.06 20.00
C THR B 188 -5.91 2.94 20.46
N VAL B 189 -6.09 2.75 21.76
CA VAL B 189 -7.39 2.50 22.37
C VAL B 189 -7.49 3.32 23.65
N PRO B 190 -8.70 3.55 24.17
CA PRO B 190 -8.87 4.25 25.45
C PRO B 190 -8.20 3.47 26.58
N SER B 191 -7.40 4.16 27.41
CA SER B 191 -6.73 3.53 28.54
C SER B 191 -7.73 2.92 29.52
N SER B 192 -8.99 3.29 29.32
CA SER B 192 -10.13 2.73 30.03
C SER B 192 -10.38 1.28 29.63
N THR B 193 -10.20 0.98 28.34
CA THR B 193 -10.51 -0.35 27.81
C THR B 193 -9.31 -1.32 27.78
N TRP B 194 -8.21 -0.93 28.41
CA TRP B 194 -7.05 -1.80 28.49
C TRP B 194 -6.24 -1.49 29.74
N PRO B 195 -6.04 -2.49 30.61
CA PRO B 195 -6.04 -3.90 30.21
C PRO B 195 -7.33 -4.63 30.58
N SER B 196 -8.38 -3.88 30.91
CA SER B 196 -9.67 -4.44 31.33
C SER B 196 -10.36 -5.24 30.23
N GLN B 197 -10.24 -4.78 28.98
CA GLN B 197 -10.68 -5.54 27.81
C GLN B 197 -9.42 -6.07 27.13
N THR B 198 -9.52 -7.25 26.52
CA THR B 198 -8.36 -7.85 25.86
C THR B 198 -8.09 -7.19 24.50
N VAL B 199 -6.80 -7.08 24.17
CA VAL B 199 -6.39 -6.59 22.86
C VAL B 199 -5.37 -7.58 22.27
N THR B 200 -5.73 -8.17 21.15
CA THR B 200 -4.88 -9.17 20.50
C THR B 200 -4.72 -8.87 19.02
N CYS B 201 -3.49 -9.03 18.51
CA CYS B 201 -3.26 -8.86 17.08
C CYS B 201 -3.26 -10.18 16.35
N ASN B 202 -3.85 -10.18 15.16
CA ASN B 202 -3.97 -11.36 14.33
C ASN B 202 -3.11 -11.21 13.08
N VAL B 203 -2.11 -12.07 12.97
CA VAL B 203 -1.13 -11.99 11.90
C VAL B 203 -1.22 -13.22 11.00
N ALA B 204 -1.35 -12.98 9.70
CA ALA B 204 -1.43 -14.06 8.72
C ALA B 204 -0.37 -13.90 7.65
N HIS B 205 0.24 -15.01 7.27
CA HIS B 205 1.22 -15.04 6.21
C HIS B 205 0.82 -16.21 5.33
N PRO B 206 0.09 -15.92 4.25
CA PRO B 206 -0.53 -16.97 3.43
C PRO B 206 0.52 -17.91 2.83
N ALA B 207 1.63 -17.33 2.36
CA ALA B 207 2.72 -18.08 1.72
C ALA B 207 3.23 -19.26 2.55
N SER B 208 3.31 -19.10 3.87
CA SER B 208 3.80 -20.16 4.76
C SER B 208 2.66 -20.84 5.53
N SER B 209 1.42 -20.51 5.17
CA SER B 209 0.21 -20.97 5.87
C SER B 209 0.25 -20.70 7.38
N THR B 210 0.71 -19.50 7.74
CA THR B 210 0.79 -19.04 9.13
C THR B 210 -0.44 -18.21 9.49
N LYS B 211 -0.95 -18.40 10.70
CA LYS B 211 -2.05 -17.58 11.21
C LYS B 211 -1.96 -17.53 12.73
N VAL B 212 -1.31 -16.49 13.25
CA VAL B 212 -1.00 -16.38 14.67
C VAL B 212 -1.72 -15.21 15.32
N ASP B 213 -2.28 -15.47 16.51
CA ASP B 213 -2.82 -14.43 17.37
C ASP B 213 -1.90 -14.19 18.55
N LYS B 214 -1.66 -12.91 18.86
CA LYS B 214 -0.82 -12.54 19.99
C LYS B 214 -1.51 -11.53 20.88
N LYS B 215 -1.86 -11.96 22.08
CA LYS B 215 -2.56 -11.13 23.07
C LYS B 215 -1.58 -10.15 23.73
N ILE B 216 -1.97 -8.88 23.79
CA ILE B 216 -1.13 -7.88 24.44
C ILE B 216 -1.45 -7.82 25.92
N VAL B 217 -0.50 -8.29 26.73
CA VAL B 217 -0.68 -8.34 28.18
C VAL B 217 0.26 -7.38 28.91
N PRO B 218 -0.24 -6.73 29.97
CA PRO B 218 0.59 -5.85 30.79
C PRO B 218 1.85 -6.57 31.24
N ARG B 219 2.98 -5.89 31.17
CA ARG B 219 4.25 -6.49 31.57
C ARG B 219 4.73 -6.00 32.92
C1 GOL C . 8.29 -1.04 10.61
O1 GOL C . 8.22 -1.70 9.36
C2 GOL C . 9.75 -1.01 11.08
O2 GOL C . 10.01 0.04 12.00
C3 GOL C . 10.07 -2.38 11.67
O3 GOL C . 11.47 -2.54 11.78
C1 GOL D . -17.21 12.58 -2.09
O1 GOL D . -16.45 11.62 -2.80
C2 GOL D . -18.33 13.00 -3.01
O2 GOL D . -19.26 11.93 -3.09
C3 GOL D . -19.00 14.27 -2.51
O3 GOL D . -19.81 14.80 -3.54
C1 GOL E . 11.19 26.56 16.71
O1 GOL E . 10.80 27.89 16.46
C2 GOL E . 11.13 25.75 15.42
O2 GOL E . 10.96 24.39 15.75
C3 GOL E . 9.97 26.20 14.54
O3 GOL E . 9.50 25.12 13.75
C1 GOL F . -5.34 11.09 -37.65
O1 GOL F . -5.53 11.79 -38.85
C2 GOL F . -6.43 10.04 -37.49
O2 GOL F . -6.51 9.68 -36.14
C3 GOL F . -7.78 10.60 -37.95
O3 GOL F . -8.81 10.17 -37.10
S SO4 G . -22.09 -9.15 -25.07
O1 SO4 G . -21.35 -8.49 -24.00
O2 SO4 G . -21.40 -10.38 -25.47
O3 SO4 G . -23.43 -9.48 -24.59
O4 SO4 G . -22.21 -8.27 -26.22
O22 P33 H . -9.03 -0.22 -27.88
C21 P33 H . -9.06 1.20 -28.21
C20 P33 H . -9.76 1.39 -29.57
O19 P33 H . -9.76 2.80 -29.77
C18 P33 H . -10.90 3.36 -30.46
C17 P33 H . -12.18 2.64 -29.98
O16 P33 H . -13.30 2.73 -30.84
C15 P33 H . -14.45 1.99 -30.32
C14 P33 H . -13.92 0.54 -30.20
O13 P33 H . -14.94 -0.52 -30.44
C12 P33 H . -14.63 -1.84 -29.83
C11 P33 H . -13.79 -2.76 -30.66
O10 P33 H . -12.93 -3.45 -29.76
C9 P33 H . -11.62 -3.01 -29.60
C8 P33 H . -10.83 -3.70 -28.52
O7 P33 H . -10.75 -2.76 -27.43
C6 P33 H . -9.57 -2.94 -26.61
C5 P33 H . -10.02 -3.03 -25.12
O4 P33 H . -9.03 -2.39 -24.29
C3 P33 H . -7.88 -3.04 -23.80
C2 P33 H . -7.50 -2.67 -22.33
O1 P33 H . -7.26 -3.89 -21.73
#